data_7B0K
#
_entry.id   7B0K
#
_cell.length_a   128.900
_cell.length_b   43.440
_cell.length_c   126.820
_cell.angle_alpha   90.000
_cell.angle_beta   120.431
_cell.angle_gamma   90.000
#
_symmetry.space_group_name_H-M   'C 1 2 1'
#
loop_
_entity.id
_entity.type
_entity.pdbx_description
1 polymer 'Drug/metabolite transporter (DMT) superfamily permease'
2 non-polymer 'CHOLINE ION'
#
_entity_poly.entity_id   1
_entity_poly.type   'polypeptide(L)'
_entity_poly.pdbx_seq_one_letter_code
;MKSKNGVPFGLLSGIFWGLGLTVSAYIFSIFTDLSPFVVAATHDFLSIFILLAFLLVKEGKVRLSIFLNIRNVSVIIGAL
LAGPIGMQANLYAVKYIGSSLASSVSAIYPAISVLLAFFFLKHKISKNTVFGIVLIIGGIIAQTYKVEQVNSFYIGILCA
LVCAIAWGSESVLSSFAMESELSEIEALLIRQVTSFLSYLVIVLFSHQSFTAVANGQLLGLMIVFAAFDMISYLAYYIAI
NRLQPAKATGLNVSYVVWTVLFAVVFLGAPLDMLTIMTSLVVIAGVYIIIKE
;
_entity_poly.pdbx_strand_id   A
#
loop_
_chem_comp.id
_chem_comp.type
_chem_comp.name
_chem_comp.formula
CHT non-polymer 'CHOLINE ION' 'C5 H14 N O 1'
#
# COMPACT_ATOMS: atom_id res chain seq x y z
N GLY A 6 11.27 -8.12 -13.91
CA GLY A 6 11.38 -7.43 -12.64
C GLY A 6 10.36 -6.32 -12.49
N VAL A 7 10.25 -5.49 -13.53
CA VAL A 7 9.24 -4.42 -13.53
C VAL A 7 7.83 -4.95 -13.35
N PRO A 8 7.40 -6.03 -14.01
CA PRO A 8 6.03 -6.51 -13.78
C PRO A 8 5.74 -6.88 -12.33
N PHE A 9 6.74 -7.33 -11.58
CA PHE A 9 6.51 -7.73 -10.20
C PHE A 9 5.94 -6.57 -9.38
N GLY A 10 6.41 -5.36 -9.64
CA GLY A 10 5.83 -4.20 -8.99
C GLY A 10 4.50 -3.78 -9.59
N LEU A 11 4.34 -3.96 -10.91
CA LEU A 11 3.05 -3.70 -11.52
C LEU A 11 2.00 -4.70 -11.07
N LEU A 12 2.41 -5.94 -10.79
CA LEU A 12 1.51 -6.91 -10.18
C LEU A 12 1.18 -6.50 -8.74
N SER A 13 2.13 -5.86 -8.05
CA SER A 13 1.86 -5.38 -6.70
C SER A 13 0.82 -4.27 -6.69
N GLY A 14 0.71 -3.53 -7.79
CA GLY A 14 -0.28 -2.47 -7.84
C GLY A 14 -1.70 -3.00 -8.00
N ILE A 15 -1.90 -3.89 -8.98
CA ILE A 15 -3.25 -4.38 -9.24
C ILE A 15 -3.77 -5.21 -8.07
N PHE A 16 -2.91 -6.02 -7.45
CA PHE A 16 -3.40 -6.95 -6.44
C PHE A 16 -3.76 -6.23 -5.15
N TRP A 17 -2.92 -5.28 -4.71
CA TRP A 17 -3.33 -4.44 -3.59
C TRP A 17 -4.47 -3.52 -3.97
N GLY A 18 -4.55 -3.13 -5.24
CA GLY A 18 -5.64 -2.27 -5.68
C GLY A 18 -6.97 -2.98 -5.69
N LEU A 19 -6.98 -4.26 -6.06
CA LEU A 19 -8.21 -5.04 -5.95
C LEU A 19 -8.51 -5.37 -4.49
N GLY A 20 -7.47 -5.67 -3.70
CA GLY A 20 -7.70 -6.04 -2.32
C GLY A 20 -8.15 -4.89 -1.45
N LEU A 21 -7.61 -3.69 -1.69
CA LEU A 21 -8.04 -2.55 -0.89
C LEU A 21 -9.43 -2.09 -1.25
N THR A 22 -10.00 -2.58 -2.35
CA THR A 22 -11.40 -2.36 -2.67
C THR A 22 -12.31 -3.42 -2.08
N VAL A 23 -11.87 -4.67 -1.97
CA VAL A 23 -12.66 -5.67 -1.27
C VAL A 23 -12.68 -5.39 0.24
N SER A 24 -11.67 -4.70 0.76
CA SER A 24 -11.76 -4.22 2.14
C SER A 24 -12.83 -3.15 2.28
N ALA A 25 -12.93 -2.26 1.29
CA ALA A 25 -14.06 -1.34 1.24
C ALA A 25 -15.36 -2.08 1.03
N TYR A 26 -15.33 -3.22 0.32
CA TYR A 26 -16.51 -4.07 0.20
C TYR A 26 -16.88 -4.68 1.54
N ILE A 27 -15.90 -4.94 2.40
CA ILE A 27 -16.18 -5.50 3.72
C ILE A 27 -16.88 -4.45 4.59
N PHE A 28 -16.33 -3.23 4.63
CA PHE A 28 -16.94 -2.17 5.44
C PHE A 28 -18.29 -1.71 4.89
N SER A 29 -18.50 -1.81 3.58
CA SER A 29 -19.74 -1.32 2.99
C SER A 29 -20.94 -2.15 3.38
N ILE A 30 -20.74 -3.35 3.93
CA ILE A 30 -21.88 -4.18 4.29
C ILE A 30 -22.33 -3.98 5.75
N PHE A 31 -21.50 -3.33 6.58
CA PHE A 31 -21.90 -2.98 7.94
C PHE A 31 -21.46 -1.60 8.40
N THR A 32 -20.80 -0.82 7.53
CA THR A 32 -20.47 0.58 7.79
C THR A 32 -19.67 0.75 9.09
N ASP A 33 -18.51 0.11 9.13
CA ASP A 33 -17.54 0.26 10.23
C ASP A 33 -18.17 -0.06 11.58
N LEU A 34 -18.88 -1.19 11.65
CA LEU A 34 -19.40 -1.64 12.94
C LEU A 34 -18.27 -2.02 13.89
N SER A 35 -17.17 -2.55 13.37
CA SER A 35 -16.00 -2.91 14.16
C SER A 35 -14.77 -2.21 13.58
N PRO A 36 -14.31 -1.11 14.19
CA PRO A 36 -13.18 -0.38 13.60
C PRO A 36 -11.84 -1.07 13.71
N PHE A 37 -11.45 -1.44 14.93
CA PHE A 37 -10.08 -1.90 15.19
C PHE A 37 -9.89 -3.40 14.99
N VAL A 38 -10.87 -4.22 15.37
CA VAL A 38 -10.68 -5.67 15.34
C VAL A 38 -10.46 -6.19 13.93
N VAL A 39 -10.86 -5.44 12.91
CA VAL A 39 -10.64 -5.88 11.54
C VAL A 39 -9.15 -5.98 11.25
N ALA A 40 -8.37 -5.03 11.75
CA ALA A 40 -6.93 -5.03 11.50
C ALA A 40 -6.20 -6.07 12.34
N ALA A 41 -6.67 -6.34 13.55
CA ALA A 41 -6.02 -7.34 14.40
C ALA A 41 -6.22 -8.74 13.84
N THR A 42 -7.46 -9.06 13.44
CA THR A 42 -7.71 -10.33 12.77
C THR A 42 -7.14 -10.36 11.37
N HIS A 43 -6.89 -9.19 10.76
CA HIS A 43 -6.32 -9.15 9.43
C HIS A 43 -4.95 -9.81 9.40
N ASP A 44 -4.04 -9.35 10.28
CA ASP A 44 -2.74 -10.02 10.39
C ASP A 44 -2.86 -11.41 10.99
N PHE A 45 -3.89 -11.64 11.81
CA PHE A 45 -4.10 -12.96 12.39
C PHE A 45 -4.44 -13.97 11.30
N LEU A 46 -5.34 -13.62 10.39
CA LEU A 46 -5.60 -14.47 9.25
C LEU A 46 -4.48 -14.41 8.21
N SER A 47 -3.72 -13.31 8.18
CA SER A 47 -2.66 -13.17 7.18
C SER A 47 -1.52 -14.15 7.42
N ILE A 48 -1.17 -14.39 8.69
CA ILE A 48 -0.04 -15.25 9.00
C ILE A 48 -0.30 -16.68 8.51
N PHE A 49 -1.56 -17.10 8.50
CA PHE A 49 -1.85 -18.49 8.14
C PHE A 49 -1.88 -18.68 6.63
N ILE A 50 -2.47 -17.75 5.88
CA ILE A 50 -2.40 -17.85 4.42
C ILE A 50 -1.03 -17.44 3.88
N LEU A 51 -0.23 -16.72 4.67
CA LEU A 51 1.16 -16.49 4.29
C LEU A 51 2.00 -17.72 4.52
N LEU A 52 1.79 -18.42 5.64
CA LEU A 52 2.42 -19.72 5.85
C LEU A 52 1.88 -20.78 4.91
N ALA A 53 0.71 -20.54 4.31
CA ALA A 53 0.21 -21.46 3.29
C ALA A 53 1.10 -21.49 2.07
N PHE A 54 1.88 -20.43 1.84
CA PHE A 54 2.85 -20.40 0.75
C PHE A 54 4.06 -21.27 1.02
N LEU A 55 4.27 -21.71 2.28
CA LEU A 55 5.40 -22.58 2.59
C LEU A 55 5.28 -23.93 1.91
N LEU A 56 4.08 -24.46 1.79
CA LEU A 56 3.86 -25.78 1.21
C LEU A 56 3.80 -25.70 -0.31
N ILE A 70 22.17 -9.26 14.06
CA ILE A 70 20.93 -9.49 13.34
C ILE A 70 20.38 -8.19 12.78
N ARG A 71 20.01 -8.21 11.50
CA ARG A 71 19.37 -7.07 10.86
C ARG A 71 17.86 -7.08 11.06
N ASN A 72 17.37 -7.88 12.01
CA ASN A 72 15.95 -7.91 12.30
C ASN A 72 15.46 -6.58 12.84
N VAL A 73 16.35 -5.80 13.47
CA VAL A 73 15.95 -4.53 14.06
C VAL A 73 15.50 -3.55 12.97
N SER A 74 16.21 -3.50 11.84
CA SER A 74 15.83 -2.57 10.78
C SER A 74 14.48 -2.90 10.18
N VAL A 75 14.04 -4.15 10.27
CA VAL A 75 12.71 -4.51 9.79
C VAL A 75 11.65 -4.10 10.79
N ILE A 76 11.85 -4.42 12.08
CA ILE A 76 10.82 -4.15 13.07
C ILE A 76 10.65 -2.66 13.31
N ILE A 77 11.73 -1.87 13.20
CA ILE A 77 11.59 -0.43 13.43
C ILE A 77 10.86 0.26 12.28
N GLY A 78 10.86 -0.32 11.08
CA GLY A 78 10.02 0.19 10.01
C GLY A 78 8.66 -0.47 9.93
N ALA A 79 8.53 -1.66 10.55
CA ALA A 79 7.24 -2.33 10.55
C ALA A 79 6.28 -1.70 11.54
N LEU A 80 6.77 -1.33 12.72
CA LEU A 80 5.95 -0.58 13.65
C LEU A 80 5.69 0.83 13.16
N LEU A 81 6.50 1.32 12.22
CA LEU A 81 6.29 2.65 11.63
C LEU A 81 5.25 2.64 10.52
N ALA A 82 4.78 1.47 10.09
CA ALA A 82 3.81 1.36 9.01
C ALA A 82 2.67 0.38 9.28
N GLY A 83 2.70 -0.37 10.37
CA GLY A 83 1.62 -1.27 10.71
C GLY A 83 0.69 -0.68 11.75
N PRO A 84 1.23 -0.41 12.95
CA PRO A 84 0.42 0.25 13.99
C PRO A 84 -0.07 1.63 13.61
N ILE A 85 0.59 2.33 12.70
CA ILE A 85 0.14 3.66 12.29
C ILE A 85 -0.16 3.78 10.81
N GLY A 86 0.27 2.84 9.97
CA GLY A 86 0.09 2.98 8.54
C GLY A 86 -1.06 2.18 7.96
N MET A 87 -1.04 0.86 8.17
CA MET A 87 -2.03 0.00 7.54
C MET A 87 -3.39 0.06 8.23
N GLN A 88 -3.41 -0.04 9.56
CA GLN A 88 -4.68 0.00 10.27
C GLN A 88 -5.32 1.37 10.22
N ALA A 89 -4.52 2.43 10.09
CA ALA A 89 -5.08 3.76 9.84
C ALA A 89 -5.74 3.82 8.46
N ASN A 90 -5.16 3.12 7.49
CA ASN A 90 -5.84 2.91 6.21
C ASN A 90 -7.06 2.02 6.37
N LEU A 91 -7.14 1.28 7.48
CA LEU A 91 -8.24 0.36 7.73
C LEU A 91 -9.36 1.05 8.52
N TYR A 92 -9.08 1.43 9.76
CA TYR A 92 -10.12 2.01 10.62
C TYR A 92 -10.22 3.53 10.49
N ALA A 93 -9.09 4.23 10.42
CA ALA A 93 -9.16 5.69 10.33
C ALA A 93 -9.69 6.16 8.99
N VAL A 94 -9.65 5.31 7.96
CA VAL A 94 -10.40 5.51 6.73
C VAL A 94 -11.67 4.69 6.85
N LYS A 95 -12.75 5.34 7.30
CA LYS A 95 -14.01 4.61 7.50
C LYS A 95 -14.79 4.52 6.20
N TYR A 96 -15.21 5.67 5.65
CA TYR A 96 -16.11 5.71 4.50
C TYR A 96 -15.82 6.91 3.60
N ILE A 97 -14.65 7.54 3.74
CA ILE A 97 -14.36 8.74 2.96
C ILE A 97 -14.34 8.45 1.48
N GLY A 98 -14.03 7.21 1.10
CA GLY A 98 -14.02 6.85 -0.30
C GLY A 98 -13.48 5.45 -0.56
N SER A 99 -14.02 4.78 -1.59
CA SER A 99 -13.50 3.47 -1.97
C SER A 99 -12.05 3.56 -2.42
N SER A 100 -11.66 4.69 -3.00
CA SER A 100 -10.27 4.93 -3.38
C SER A 100 -9.81 6.35 -3.05
N LEU A 101 -10.66 7.18 -2.43
CA LEU A 101 -10.27 8.54 -2.11
C LEU A 101 -9.15 8.62 -1.08
N ALA A 102 -9.00 7.58 -0.25
CA ALA A 102 -7.81 7.49 0.60
C ALA A 102 -6.60 6.99 -0.18
N SER A 103 -6.82 6.13 -1.17
CA SER A 103 -5.70 5.61 -1.96
C SER A 103 -5.02 6.69 -2.77
N SER A 104 -5.75 7.74 -3.14
CA SER A 104 -5.16 8.81 -3.95
C SER A 104 -4.11 9.59 -3.17
N VAL A 105 -4.49 10.11 -2.00
CA VAL A 105 -3.57 10.93 -1.23
C VAL A 105 -2.56 10.10 -0.44
N SER A 106 -2.87 8.83 -0.19
CA SER A 106 -1.84 7.93 0.35
C SER A 106 -0.83 7.53 -0.72
N ALA A 107 -1.08 7.88 -1.98
CA ALA A 107 -0.19 7.61 -3.09
C ALA A 107 0.87 8.68 -3.28
N ILE A 108 0.87 9.72 -2.44
CA ILE A 108 2.02 10.61 -2.37
C ILE A 108 3.14 9.99 -1.55
N TYR A 109 2.93 8.79 -1.00
CA TYR A 109 3.98 8.15 -0.22
C TYR A 109 5.28 7.92 -1.00
N PRO A 110 5.31 7.67 -2.31
CA PRO A 110 6.61 7.65 -2.98
C PRO A 110 7.38 8.96 -2.86
N ALA A 111 6.69 10.11 -2.86
CA ALA A 111 7.37 11.39 -2.69
C ALA A 111 8.02 11.48 -1.31
N ILE A 112 7.34 10.96 -0.29
CA ILE A 112 7.95 10.89 1.03
C ILE A 112 9.03 9.82 1.04
N SER A 113 8.85 8.74 0.28
CA SER A 113 9.85 7.68 0.24
C SER A 113 11.09 8.13 -0.52
N VAL A 114 10.90 8.75 -1.69
CA VAL A 114 12.04 9.25 -2.45
C VAL A 114 12.74 10.37 -1.68
N LEU A 115 11.99 11.17 -0.91
CA LEU A 115 12.61 12.21 -0.10
C LEU A 115 13.51 11.62 0.97
N LEU A 116 13.16 10.45 1.50
CA LEU A 116 14.01 9.80 2.49
C LEU A 116 15.08 8.94 1.82
N ALA A 117 14.74 8.30 0.70
CA ALA A 117 15.69 7.41 0.03
C ALA A 117 16.87 8.17 -0.54
N PHE A 118 16.64 9.38 -1.07
CA PHE A 118 17.72 10.13 -1.69
C PHE A 118 18.74 10.62 -0.67
N PHE A 119 18.34 10.78 0.60
CA PHE A 119 19.23 11.29 1.62
C PHE A 119 19.82 10.20 2.50
N PHE A 120 19.53 8.93 2.21
CA PHE A 120 20.07 7.82 2.99
C PHE A 120 20.86 6.88 2.09
N LEU A 121 21.85 7.41 1.37
CA LEU A 121 22.76 6.62 0.54
C LEU A 121 22.01 5.83 -0.54
N LYS A 122 21.17 6.55 -1.29
CA LYS A 122 20.45 5.94 -2.42
C LYS A 122 20.11 7.07 -3.40
N HIS A 123 20.98 7.27 -4.38
CA HIS A 123 20.81 8.33 -5.38
C HIS A 123 20.90 7.70 -6.78
N LYS A 124 19.75 7.24 -7.29
CA LYS A 124 19.64 6.68 -8.65
C LYS A 124 18.31 7.15 -9.24
N ILE A 125 18.28 8.38 -9.74
CA ILE A 125 17.10 8.98 -10.35
C ILE A 125 17.55 9.76 -11.58
N SER A 126 16.60 9.96 -12.49
CA SER A 126 16.93 10.61 -13.77
C SER A 126 15.97 11.77 -14.06
N LYS A 127 16.10 12.34 -15.26
CA LYS A 127 15.26 13.46 -15.64
C LYS A 127 13.80 13.08 -15.82
N ASN A 128 13.49 11.79 -16.02
CA ASN A 128 12.12 11.34 -16.24
C ASN A 128 11.84 10.08 -15.42
N THR A 129 12.44 9.99 -14.24
CA THR A 129 12.15 8.90 -13.30
C THR A 129 11.41 9.39 -12.06
N VAL A 130 11.94 10.43 -11.40
CA VAL A 130 11.15 11.12 -10.39
C VAL A 130 10.18 12.12 -11.00
N PHE A 131 10.45 12.59 -12.23
CA PHE A 131 9.53 13.50 -12.90
C PHE A 131 8.19 12.83 -13.19
N GLY A 132 8.20 11.52 -13.43
CA GLY A 132 6.95 10.81 -13.56
C GLY A 132 6.22 10.65 -12.24
N ILE A 133 6.97 10.49 -11.16
CA ILE A 133 6.34 10.51 -9.83
C ILE A 133 5.77 11.89 -9.56
N VAL A 134 6.42 12.95 -10.04
CA VAL A 134 5.93 14.30 -9.79
C VAL A 134 4.59 14.51 -10.47
N LEU A 135 4.47 14.09 -11.74
CA LEU A 135 3.19 14.20 -12.43
C LEU A 135 2.14 13.27 -11.83
N ILE A 136 2.55 12.12 -11.31
CA ILE A 136 1.60 11.22 -10.68
C ILE A 136 1.00 11.85 -9.42
N ILE A 137 1.80 12.63 -8.70
CA ILE A 137 1.28 13.31 -7.51
C ILE A 137 0.41 14.50 -7.90
N GLY A 138 0.81 15.23 -8.95
CA GLY A 138 0.07 16.43 -9.32
C GLY A 138 -1.26 16.13 -9.98
N GLY A 139 -1.39 14.94 -10.56
CA GLY A 139 -2.68 14.50 -11.05
C GLY A 139 -3.60 13.96 -9.98
N ILE A 140 -3.08 13.80 -8.77
CA ILE A 140 -3.87 13.36 -7.63
C ILE A 140 -4.19 14.50 -6.68
N ILE A 141 -3.19 15.34 -6.39
CA ILE A 141 -3.41 16.46 -5.48
C ILE A 141 -4.47 17.42 -6.02
N ALA A 142 -4.56 17.54 -7.35
CA ALA A 142 -5.57 18.40 -7.95
C ALA A 142 -6.98 17.88 -7.65
N GLN A 143 -7.14 16.56 -7.58
CA GLN A 143 -8.41 15.96 -7.22
C GLN A 143 -8.52 15.63 -5.73
N THR A 144 -7.47 15.91 -4.95
CA THR A 144 -7.48 15.53 -3.55
C THR A 144 -8.59 16.27 -2.79
N TYR A 145 -8.85 17.52 -3.14
CA TYR A 145 -9.88 18.30 -2.45
C TYR A 145 -11.24 18.21 -3.13
N LYS A 146 -11.39 17.41 -4.18
CA LYS A 146 -12.69 17.10 -4.75
C LYS A 146 -13.33 15.94 -3.99
N VAL A 147 -13.55 16.18 -2.71
CA VAL A 147 -14.06 15.15 -1.80
C VAL A 147 -15.23 15.69 -0.98
N TYR A 154 -12.15 15.21 7.18
CA TYR A 154 -11.04 15.67 8.02
C TYR A 154 -10.22 14.50 8.51
N ILE A 155 -10.85 13.60 9.28
CA ILE A 155 -10.15 12.43 9.82
C ILE A 155 -9.67 11.54 8.68
N GLY A 156 -10.42 11.49 7.58
CA GLY A 156 -10.02 10.63 6.47
C GLY A 156 -8.76 11.12 5.78
N ILE A 157 -8.71 12.42 5.46
CA ILE A 157 -7.53 12.99 4.83
C ILE A 157 -6.36 13.04 5.78
N LEU A 158 -6.61 13.09 7.09
CA LEU A 158 -5.53 13.13 8.07
C LEU A 158 -4.72 11.84 8.01
N CYS A 159 -5.36 10.70 8.25
CA CYS A 159 -4.67 9.43 8.21
C CYS A 159 -4.20 9.09 6.80
N ALA A 160 -4.95 9.51 5.78
CA ALA A 160 -4.50 9.31 4.42
C ALA A 160 -3.21 10.06 4.13
N LEU A 161 -3.02 11.22 4.77
CA LEU A 161 -1.69 11.81 4.78
C LEU A 161 -0.72 11.00 5.65
N VAL A 162 -1.22 10.41 6.74
CA VAL A 162 -0.37 9.64 7.65
C VAL A 162 0.07 8.33 6.98
N CYS A 163 -0.83 7.68 6.25
CA CYS A 163 -0.45 6.47 5.53
C CYS A 163 0.61 6.77 4.49
N ALA A 164 0.62 7.99 3.94
CA ALA A 164 1.66 8.37 3.00
C ALA A 164 3.00 8.51 3.69
N ILE A 165 3.03 9.12 4.88
CA ILE A 165 4.28 9.26 5.61
C ILE A 165 4.77 7.90 6.11
N ALA A 166 3.85 7.02 6.49
CA ALA A 166 4.26 5.76 7.11
C ALA A 166 4.83 4.79 6.09
N TRP A 167 4.10 4.55 5.00
CA TRP A 167 4.57 3.60 3.99
C TRP A 167 5.81 4.12 3.26
N GLY A 168 5.96 5.43 3.15
CA GLY A 168 7.14 5.97 2.50
C GLY A 168 8.40 5.73 3.30
N SER A 169 8.30 5.76 4.62
CA SER A 169 9.45 5.43 5.46
C SER A 169 9.69 3.93 5.49
N GLU A 170 8.62 3.14 5.46
CA GLU A 170 8.77 1.68 5.45
C GLU A 170 9.45 1.19 4.18
N SER A 171 9.19 1.83 3.04
CA SER A 171 9.76 1.34 1.79
C SER A 171 11.28 1.46 1.80
N VAL A 172 11.82 2.52 2.41
CA VAL A 172 13.27 2.63 2.52
C VAL A 172 13.79 1.74 3.65
N LEU A 173 13.08 1.72 4.78
CA LEU A 173 13.47 0.87 5.89
C LEU A 173 13.27 -0.62 5.58
N SER A 174 12.38 -0.96 4.65
CA SER A 174 12.33 -2.34 4.18
C SER A 174 13.48 -2.62 3.22
N SER A 175 13.80 -1.65 2.36
CA SER A 175 14.97 -1.78 1.49
C SER A 175 16.27 -1.59 2.25
N PHE A 176 16.18 -1.22 3.53
CA PHE A 176 17.37 -0.99 4.35
C PHE A 176 18.23 -2.25 4.45
N ALA A 177 17.62 -3.35 4.87
CA ALA A 177 18.36 -4.60 5.06
C ALA A 177 18.57 -5.27 3.71
N MET A 178 17.56 -6.05 3.29
CA MET A 178 17.49 -6.60 1.94
C MET A 178 18.77 -7.29 1.51
N GLU A 179 19.41 -8.01 2.43
CA GLU A 179 20.61 -8.78 2.11
C GLU A 179 20.75 -9.90 3.13
N SER A 180 20.99 -11.11 2.64
CA SER A 180 20.94 -12.32 3.46
C SER A 180 19.60 -12.44 4.20
N GLU A 181 18.56 -11.81 3.66
CA GLU A 181 17.23 -11.79 4.26
C GLU A 181 16.24 -11.78 3.09
N LEU A 182 15.70 -12.95 2.78
CA LEU A 182 14.87 -13.10 1.59
C LEU A 182 13.56 -12.34 1.73
N SER A 183 12.96 -12.05 0.58
CA SER A 183 11.73 -11.26 0.54
C SER A 183 10.59 -11.90 1.31
N GLU A 184 10.62 -13.21 1.50
CA GLU A 184 9.56 -13.94 2.18
C GLU A 184 9.90 -14.35 3.61
N ILE A 185 11.03 -15.02 3.81
CA ILE A 185 11.33 -15.62 5.12
C ILE A 185 11.83 -14.63 6.15
N GLU A 186 12.20 -13.42 5.75
CA GLU A 186 12.70 -12.44 6.72
C GLU A 186 12.06 -11.07 6.47
N ALA A 187 11.81 -10.74 5.21
CA ALA A 187 11.29 -9.42 4.89
C ALA A 187 9.80 -9.31 5.24
N LEU A 188 8.96 -10.12 4.59
CA LEU A 188 7.53 -10.09 4.86
C LEU A 188 7.13 -10.91 6.08
N LEU A 189 7.94 -11.90 6.47
CA LEU A 189 7.60 -12.70 7.64
C LEU A 189 7.73 -11.88 8.92
N ILE A 190 8.88 -11.23 9.12
CA ILE A 190 9.07 -10.39 10.29
C ILE A 190 8.15 -9.18 10.25
N ARG A 191 7.89 -8.64 9.06
CA ARG A 191 7.01 -7.49 8.94
C ARG A 191 5.59 -7.82 9.38
N GLN A 192 5.17 -9.07 9.19
CA GLN A 192 3.79 -9.43 9.53
C GLN A 192 3.66 -9.75 11.01
N VAL A 193 4.60 -10.53 11.56
CA VAL A 193 4.52 -10.90 12.96
C VAL A 193 4.84 -9.72 13.88
N THR A 194 5.54 -8.70 13.37
CA THR A 194 5.80 -7.52 14.20
C THR A 194 4.53 -6.72 14.42
N SER A 195 3.82 -6.39 13.35
CA SER A 195 2.55 -5.68 13.49
C SER A 195 1.50 -6.56 14.17
N PHE A 196 1.53 -7.87 13.93
CA PHE A 196 0.60 -8.76 14.62
C PHE A 196 0.88 -8.82 16.11
N LEU A 197 2.17 -8.81 16.49
CA LEU A 197 2.51 -8.70 17.90
C LEU A 197 2.22 -7.31 18.45
N SER A 198 2.23 -6.30 17.58
CA SER A 198 1.98 -4.94 18.05
C SER A 198 0.52 -4.76 18.49
N TYR A 199 -0.42 -5.29 17.71
CA TYR A 199 -1.83 -5.18 18.10
C TYR A 199 -2.13 -6.03 19.32
N LEU A 200 -1.37 -7.11 19.53
CA LEU A 200 -1.50 -7.88 20.76
C LEU A 200 -1.04 -7.08 21.97
N VAL A 201 -0.15 -6.12 21.78
CA VAL A 201 0.24 -5.22 22.86
C VAL A 201 -0.68 -4.01 22.95
N ILE A 202 -1.10 -3.47 21.80
CA ILE A 202 -2.00 -2.33 21.80
C ILE A 202 -3.36 -2.70 22.38
N VAL A 203 -3.77 -3.96 22.24
CA VAL A 203 -5.07 -4.39 22.76
C VAL A 203 -5.03 -4.48 24.27
N GLY A 216 -18.95 -15.58 10.33
CA GLY A 216 -18.75 -16.62 9.33
C GLY A 216 -18.42 -16.07 7.96
N GLN A 217 -19.40 -15.41 7.33
CA GLN A 217 -19.16 -14.79 6.04
C GLN A 217 -18.12 -13.68 6.12
N LEU A 218 -18.06 -12.98 7.26
CA LEU A 218 -17.05 -11.94 7.42
C LEU A 218 -15.65 -12.55 7.46
N LEU A 219 -15.50 -13.73 8.06
CA LEU A 219 -14.21 -14.40 8.04
C LEU A 219 -13.84 -14.84 6.63
N GLY A 220 -14.83 -15.17 5.81
CA GLY A 220 -14.54 -15.51 4.42
C GLY A 220 -14.09 -14.30 3.63
N LEU A 221 -14.74 -13.15 3.83
CA LEU A 221 -14.29 -11.93 3.19
C LEU A 221 -12.96 -11.45 3.77
N MET A 222 -12.71 -11.74 5.04
CA MET A 222 -11.44 -11.34 5.66
C MET A 222 -10.29 -12.18 5.13
N ILE A 223 -10.47 -13.51 5.09
CA ILE A 223 -9.43 -14.37 4.54
C ILE A 223 -9.28 -14.13 3.04
N VAL A 224 -10.37 -13.73 2.36
CA VAL A 224 -10.27 -13.35 0.97
C VAL A 224 -9.48 -12.04 0.82
N PHE A 225 -9.73 -11.09 1.72
CA PHE A 225 -8.93 -9.87 1.72
C PHE A 225 -7.48 -10.15 2.09
N ALA A 226 -7.26 -11.09 3.01
CA ALA A 226 -5.90 -11.48 3.37
C ALA A 226 -5.19 -12.17 2.21
N ALA A 227 -5.92 -12.92 1.39
CA ALA A 227 -5.30 -13.64 0.28
C ALA A 227 -4.77 -12.67 -0.77
N PHE A 228 -5.46 -11.54 -0.96
CA PHE A 228 -5.03 -10.56 -1.96
C PHE A 228 -3.92 -9.66 -1.42
N ASP A 229 -3.98 -9.32 -0.14
CA ASP A 229 -2.94 -8.46 0.44
C ASP A 229 -1.58 -9.14 0.46
N MET A 230 -1.53 -10.46 0.64
CA MET A 230 -0.23 -11.09 0.90
C MET A 230 0.54 -11.40 -0.39
N ILE A 231 -0.16 -11.71 -1.48
CA ILE A 231 0.53 -11.77 -2.76
C ILE A 231 1.01 -10.37 -3.15
N SER A 232 0.28 -9.33 -2.75
CA SER A 232 0.66 -7.97 -3.12
C SER A 232 1.93 -7.52 -2.41
N TYR A 233 1.95 -7.59 -1.07
CA TYR A 233 3.09 -7.08 -0.33
C TYR A 233 4.35 -7.90 -0.56
N LEU A 234 4.23 -9.18 -0.91
CA LEU A 234 5.40 -9.94 -1.31
C LEU A 234 5.87 -9.53 -2.70
N ALA A 235 4.93 -9.35 -3.64
CA ALA A 235 5.30 -8.89 -4.97
C ALA A 235 5.89 -7.48 -4.93
N TYR A 236 5.43 -6.64 -4.00
CA TYR A 236 6.06 -5.34 -3.80
C TYR A 236 7.47 -5.50 -3.25
N TYR A 237 7.71 -6.55 -2.46
CA TYR A 237 9.05 -6.78 -1.93
C TYR A 237 9.95 -7.45 -2.96
N ILE A 238 9.40 -8.34 -3.78
CA ILE A 238 10.18 -8.90 -4.87
C ILE A 238 10.58 -7.80 -5.85
N ALA A 239 9.70 -6.82 -6.05
CA ALA A 239 10.07 -5.63 -6.81
C ALA A 239 11.03 -4.73 -6.03
N ILE A 240 11.02 -4.81 -4.70
CA ILE A 240 11.96 -4.01 -3.91
C ILE A 240 13.36 -4.62 -3.91
N ASN A 241 13.48 -5.93 -4.17
CA ASN A 241 14.80 -6.56 -4.16
C ASN A 241 15.63 -6.12 -5.35
N ARG A 242 15.17 -6.44 -6.56
CA ARG A 242 15.98 -6.16 -7.74
C ARG A 242 15.82 -4.72 -8.21
N LEU A 243 14.59 -4.19 -8.15
CA LEU A 243 14.32 -2.83 -8.59
C LEU A 243 14.45 -1.86 -7.42
N GLN A 244 14.93 -0.66 -7.73
CA GLN A 244 15.09 0.37 -6.71
C GLN A 244 13.72 0.83 -6.20
N PRO A 245 13.63 1.21 -4.93
CA PRO A 245 12.35 1.74 -4.43
C PRO A 245 11.87 2.96 -5.19
N ALA A 246 12.76 3.80 -5.71
CA ALA A 246 12.33 4.96 -6.47
C ALA A 246 11.54 4.56 -7.71
N LYS A 247 11.85 3.39 -8.29
CA LYS A 247 11.06 2.84 -9.38
C LYS A 247 10.07 1.78 -8.93
N ALA A 248 10.39 1.04 -7.86
CA ALA A 248 9.45 0.03 -7.36
C ALA A 248 8.25 0.69 -6.69
N THR A 249 8.47 1.72 -5.88
CA THR A 249 7.36 2.47 -5.34
C THR A 249 6.64 3.26 -6.43
N GLY A 250 7.37 3.67 -7.47
CA GLY A 250 6.75 4.42 -8.55
C GLY A 250 5.91 3.57 -9.48
N LEU A 251 6.21 2.28 -9.60
CA LEU A 251 5.30 1.38 -10.29
C LEU A 251 4.19 0.87 -9.39
N ASN A 252 4.34 1.02 -8.07
CA ASN A 252 3.30 0.55 -7.16
C ASN A 252 2.07 1.45 -7.19
N VAL A 253 2.23 2.74 -7.49
CA VAL A 253 1.13 3.69 -7.41
C VAL A 253 0.18 3.47 -8.58
N SER A 254 0.47 2.45 -9.39
CA SER A 254 -0.54 1.90 -10.27
C SER A 254 -1.68 1.30 -9.48
N TYR A 255 -1.48 1.04 -8.18
CA TYR A 255 -2.57 0.59 -7.31
C TYR A 255 -3.62 1.65 -7.10
N VAL A 256 -3.42 2.86 -7.61
CA VAL A 256 -4.47 3.88 -7.58
C VAL A 256 -5.42 3.78 -8.76
N VAL A 257 -4.96 3.27 -9.90
CA VAL A 257 -5.86 3.14 -11.04
C VAL A 257 -6.67 1.85 -10.95
N TRP A 258 -6.06 0.75 -10.52
CA TRP A 258 -6.79 -0.49 -10.36
C TRP A 258 -7.78 -0.43 -9.19
N THR A 259 -7.49 0.41 -8.19
CA THR A 259 -8.41 0.56 -7.07
C THR A 259 -9.61 1.42 -7.41
N VAL A 260 -9.60 2.10 -8.56
CA VAL A 260 -10.79 2.78 -9.05
C VAL A 260 -11.52 1.87 -10.04
N LEU A 261 -10.77 1.06 -10.78
CA LEU A 261 -11.39 0.11 -11.71
C LEU A 261 -12.21 -0.92 -10.94
N PHE A 262 -11.61 -1.53 -9.91
CA PHE A 262 -12.36 -2.47 -9.08
C PHE A 262 -13.46 -1.77 -8.29
N ALA A 263 -13.26 -0.50 -7.92
CA ALA A 263 -14.25 0.24 -7.15
C ALA A 263 -15.35 0.83 -8.01
N VAL A 264 -15.23 0.84 -9.33
CA VAL A 264 -16.30 1.30 -10.19
C VAL A 264 -16.99 0.14 -10.92
N VAL A 265 -16.34 -1.00 -11.07
CA VAL A 265 -16.96 -2.16 -11.70
C VAL A 265 -17.60 -3.08 -10.68
N PHE A 266 -16.83 -3.51 -9.66
CA PHE A 266 -17.38 -4.32 -8.59
C PHE A 266 -18.25 -3.52 -7.61
N LEU A 267 -18.06 -2.20 -7.53
CA LEU A 267 -18.79 -1.39 -6.56
C LEU A 267 -19.70 -0.33 -7.16
N GLY A 268 -19.51 0.04 -8.42
CA GLY A 268 -20.36 1.04 -9.04
C GLY A 268 -20.09 2.46 -8.57
N ALA A 269 -18.84 2.91 -8.65
CA ALA A 269 -18.51 4.26 -8.25
C ALA A 269 -19.13 5.28 -9.20
N PRO A 270 -19.46 6.48 -8.71
CA PRO A 270 -20.05 7.49 -9.61
C PRO A 270 -19.17 7.85 -10.80
N LEU A 271 -17.86 7.85 -10.62
CA LEU A 271 -16.89 8.13 -11.68
C LEU A 271 -17.27 9.39 -12.44
N ASP A 272 -17.07 10.52 -11.76
CA ASP A 272 -17.23 11.81 -12.41
C ASP A 272 -16.10 12.03 -13.41
N MET A 273 -16.26 13.07 -14.24
CA MET A 273 -15.32 13.31 -15.33
C MET A 273 -13.89 13.50 -14.82
N LEU A 274 -13.73 14.00 -13.60
CA LEU A 274 -12.38 14.18 -13.06
C LEU A 274 -11.71 12.85 -12.73
N THR A 275 -12.47 11.76 -12.62
CA THR A 275 -11.86 10.47 -12.31
C THR A 275 -11.04 9.94 -13.49
N ILE A 276 -11.57 10.03 -14.71
CA ILE A 276 -10.83 9.54 -15.86
C ILE A 276 -9.56 10.35 -16.08
N MET A 277 -9.60 11.64 -15.77
CA MET A 277 -8.41 12.47 -15.97
C MET A 277 -7.31 12.09 -14.98
N THR A 278 -7.65 11.99 -13.69
CA THR A 278 -6.67 11.57 -12.70
C THR A 278 -6.23 10.13 -12.92
N SER A 279 -7.10 9.30 -13.48
CA SER A 279 -6.70 7.95 -13.86
C SER A 279 -5.69 7.97 -15.00
N LEU A 280 -5.77 8.97 -15.87
CA LEU A 280 -4.84 9.06 -17.00
C LEU A 280 -3.49 9.62 -16.58
N VAL A 281 -3.48 10.66 -15.74
CA VAL A 281 -2.21 11.25 -15.32
C VAL A 281 -1.39 10.25 -14.53
N VAL A 282 -2.05 9.39 -13.75
CA VAL A 282 -1.33 8.43 -12.93
C VAL A 282 -0.80 7.25 -13.75
N ILE A 283 -1.36 7.02 -14.94
CA ILE A 283 -0.84 5.97 -15.82
C ILE A 283 0.07 6.60 -16.88
N ALA A 284 -0.21 7.86 -17.23
CA ALA A 284 0.71 8.56 -18.12
C ALA A 284 2.06 8.79 -17.45
N GLY A 285 2.08 8.92 -16.12
CA GLY A 285 3.33 8.96 -15.39
C GLY A 285 3.93 7.59 -15.13
N VAL A 286 3.11 6.55 -15.15
CA VAL A 286 3.62 5.19 -15.00
C VAL A 286 4.47 4.81 -16.20
N TYR A 287 4.08 5.25 -17.39
CA TYR A 287 4.85 4.94 -18.59
C TYR A 287 6.07 5.82 -18.74
N ILE A 288 6.20 6.88 -17.95
CA ILE A 288 7.43 7.65 -17.90
C ILE A 288 8.42 7.04 -16.92
N ILE A 289 7.92 6.52 -15.79
CA ILE A 289 8.80 5.90 -14.80
C ILE A 289 9.28 4.54 -15.30
N ILE A 290 8.39 3.75 -15.90
CA ILE A 290 8.77 2.44 -16.40
C ILE A 290 9.75 2.56 -17.57
N LYS A 291 9.75 3.70 -18.27
CA LYS A 291 10.66 3.91 -19.38
C LYS A 291 11.39 5.24 -19.23
C4 CHT B . 2.99 -0.88 -1.44
C5 CHT B . 2.71 -1.10 0.05
C6 CHT B . 1.06 -0.90 1.72
C7 CHT B . 0.86 -2.59 0.10
C8 CHT B . 0.51 -0.32 -0.50
O6 CHT B . 2.92 -2.08 -2.15
N1 CHT B . 1.29 -1.22 0.32
#